data_6G30
#
_entry.id   6G30
#
_cell.length_a   94.761
_cell.length_b   94.761
_cell.length_c   66.368
_cell.angle_alpha   90.00
_cell.angle_beta   90.00
_cell.angle_gamma   120.00
#
_symmetry.space_group_name_H-M   'P 61'
#
loop_
_entity.id
_entity.type
_entity.pdbx_description
1 polymer 'Transitional endoplasmic reticulum ATPase'
2 non-polymer (4S)-2-METHYL-2,4-PENTANEDIOL
3 non-polymer 'DIMETHYL SULFOXIDE'
4 non-polymer "ADENOSINE-5'-DIPHOSPHATE"
5 non-polymer 'SODIUM ION'
6 non-polymer ~{N}-(4-chlorophenyl)-2-cyano-ethanamide
#
_entity_poly.entity_id   1
_entity_poly.type   'polypeptide(L)'
_entity_poly.pdbx_seq_one_letter_code
;GPGSALRETVVEVPQVTWEDIGGLEDVKRELQELVQYPVEHPDKFLKFGMTPSKGVLFYGPPGCGKTLLAKAIANECQAN
FISIKGPELLTMWFGESEANVREIFDKARQAAPCVLFFDELDSIAKARGGNIGDGGGAADRVINQILTEMDGMSTKKNVF
IIGATNRPDIIDPAILRPGRLDQLIYIPLPDEKSRVAILKANLRKSPVAKDVDLEFLAKMTNGFSGADLTEICQRACKLA
IRESIESEIRRERERQTNPSAMEVEEDDPVPEIRRDHFEEAMRFARRSVSDNDIRKYEMFAQTLQQ
;
_entity_poly.pdbx_strand_id   A
#
# COMPACT_ATOMS: atom_id res chain seq x y z
N VAL A 10 -12.45 4.71 12.66
CA VAL A 10 -12.33 3.43 13.39
C VAL A 10 -10.89 2.94 13.44
N VAL A 11 -10.55 2.28 14.54
CA VAL A 11 -9.19 1.83 14.83
C VAL A 11 -9.22 0.34 15.13
N GLU A 12 -8.65 -0.47 14.24
CA GLU A 12 -8.62 -1.92 14.37
C GLU A 12 -7.31 -2.47 13.83
N VAL A 13 -7.11 -3.78 14.03
CA VAL A 13 -6.05 -4.56 13.41
C VAL A 13 -6.47 -4.86 11.97
N PRO A 14 -5.67 -4.50 10.97
CA PRO A 14 -6.08 -4.76 9.58
C PRO A 14 -6.09 -6.23 9.24
N GLN A 15 -6.74 -6.50 8.12
CA GLN A 15 -7.05 -7.83 7.65
C GLN A 15 -6.18 -8.25 6.46
N VAL A 16 -5.61 -7.31 5.69
CA VAL A 16 -4.77 -7.69 4.56
C VAL A 16 -3.46 -8.24 5.12
N THR A 17 -2.95 -9.31 4.50
CA THR A 17 -1.70 -10.00 4.83
C THR A 17 -0.70 -9.82 3.69
N TRP A 18 0.57 -10.14 3.96
CA TRP A 18 1.58 -10.19 2.90
C TRP A 18 1.07 -10.97 1.68
N GLU A 19 0.18 -11.95 1.89
CA GLU A 19 -0.28 -12.81 0.80
C GLU A 19 -1.22 -12.10 -0.17
N ASP A 20 -1.86 -10.99 0.23
CA ASP A 20 -2.77 -10.28 -0.66
C ASP A 20 -2.06 -9.32 -1.60
N ILE A 21 -0.72 -9.31 -1.57
CA ILE A 21 0.11 -8.34 -2.25
C ILE A 21 0.93 -9.12 -3.26
N GLY A 22 0.71 -8.88 -4.55
CA GLY A 22 1.51 -9.52 -5.58
C GLY A 22 2.73 -8.68 -5.87
N GLY A 23 3.88 -9.39 -6.03
CA GLY A 23 5.17 -8.76 -6.29
C GLY A 23 5.77 -8.15 -5.03
N LEU A 24 6.71 -7.21 -5.23
CA LEU A 24 7.28 -6.44 -4.12
C LEU A 24 7.94 -7.33 -3.06
N GLU A 25 8.48 -8.48 -3.45
CA GLU A 25 9.02 -9.41 -2.48
C GLU A 25 10.35 -8.97 -1.88
N ASP A 26 11.10 -8.12 -2.57
CA ASP A 26 12.26 -7.45 -1.98
C ASP A 26 11.81 -6.61 -0.78
N VAL A 27 10.84 -5.73 -1.01
CA VAL A 27 10.33 -4.85 0.04
C VAL A 27 9.73 -5.67 1.17
N LYS A 28 9.09 -6.79 0.85
CA LYS A 28 8.38 -7.55 1.87
C LYS A 28 9.35 -8.16 2.86
N ARG A 29 10.46 -8.75 2.39
CA ARG A 29 11.35 -9.33 3.39
C ARG A 29 12.14 -8.24 4.15
N GLU A 30 12.40 -7.09 3.52
CA GLU A 30 13.03 -6.00 4.27
C GLU A 30 12.09 -5.39 5.29
N LEU A 31 10.78 -5.41 5.03
CA LEU A 31 9.86 -4.89 6.03
C LEU A 31 9.73 -5.86 7.20
N GLN A 32 9.66 -7.16 6.92
CA GLN A 32 9.57 -8.16 7.98
C GLN A 32 10.74 -8.04 8.96
N GLU A 33 11.98 -8.12 8.46
CA GLU A 33 13.12 -7.99 9.37
C GLU A 33 13.21 -6.61 10.00
N LEU A 34 12.55 -5.60 9.43
CA LEU A 34 12.49 -4.31 10.12
C LEU A 34 11.62 -4.37 11.36
N VAL A 35 10.66 -5.27 11.41
CA VAL A 35 9.78 -5.33 12.57
C VAL A 35 10.00 -6.64 13.34
N GLN A 36 10.47 -7.69 12.66
CA GLN A 36 10.68 -8.97 13.32
C GLN A 36 11.98 -9.01 14.12
N TYR A 37 13.04 -8.35 13.62
CA TYR A 37 14.33 -8.36 14.30
C TYR A 37 14.27 -7.84 15.74
N PRO A 38 13.65 -6.69 16.02
CA PRO A 38 13.59 -6.25 17.44
C PRO A 38 12.89 -7.23 18.36
N VAL A 39 12.01 -8.09 17.85
CA VAL A 39 11.22 -8.97 18.70
C VAL A 39 11.69 -10.43 18.64
N GLU A 40 12.33 -10.85 17.54
CA GLU A 40 12.78 -12.23 17.40
C GLU A 40 14.19 -12.43 17.95
N HIS A 41 15.06 -11.43 17.81
CA HIS A 41 16.33 -11.37 18.53
C HIS A 41 16.35 -10.08 19.33
N PRO A 42 15.56 -9.98 20.42
CA PRO A 42 15.83 -8.90 21.38
C PRO A 42 17.18 -9.07 22.03
N ASP A 43 17.69 -10.32 22.07
CA ASP A 43 18.93 -10.70 22.74
C ASP A 43 20.18 -10.43 21.91
N LYS A 44 20.06 -9.82 20.74
CA LYS A 44 21.21 -9.26 20.04
C LYS A 44 21.05 -7.78 19.74
N PHE A 45 19.84 -7.24 19.82
CA PHE A 45 19.63 -5.79 19.82
C PHE A 45 20.12 -5.13 21.12
N LEU A 46 20.41 -5.91 22.18
CA LEU A 46 21.13 -5.35 23.33
C LEU A 46 22.62 -5.17 23.04
N LYS A 47 23.32 -6.28 22.71
CA LYS A 47 24.77 -6.33 22.82
C LYS A 47 25.43 -5.11 22.17
N PHE A 48 25.04 -4.82 20.93
CA PHE A 48 25.62 -3.75 20.13
C PHE A 48 24.89 -2.41 20.30
N GLY A 49 23.71 -2.39 20.93
CA GLY A 49 23.01 -1.17 21.24
C GLY A 49 22.26 -0.51 20.08
N MET A 50 21.34 -1.23 19.45
CA MET A 50 20.53 -0.69 18.37
C MET A 50 19.20 -0.20 18.91
N THR A 51 18.82 1.03 18.55
CA THR A 51 17.49 1.55 18.82
C THR A 51 16.59 1.24 17.64
N PRO A 52 15.46 0.55 17.84
CA PRO A 52 14.69 0.03 16.71
C PRO A 52 14.20 1.14 15.78
N SER A 53 13.75 0.73 14.61
CA SER A 53 13.26 1.66 13.59
C SER A 53 12.06 2.44 14.11
N LYS A 54 12.01 3.74 13.77
CA LYS A 54 10.85 4.56 14.11
C LYS A 54 9.93 4.83 12.92
N GLY A 55 10.41 4.62 11.69
CA GLY A 55 9.52 4.84 10.56
C GLY A 55 10.12 4.74 9.18
N VAL A 56 9.26 4.62 8.17
CA VAL A 56 9.66 4.56 6.77
C VAL A 56 8.81 5.55 6.00
N LEU A 57 9.21 5.78 4.75
CA LEU A 57 8.47 6.62 3.81
C LEU A 57 8.43 5.89 2.48
N PHE A 58 7.22 5.64 1.96
CA PHE A 58 7.03 4.99 0.67
C PHE A 58 6.82 6.07 -0.40
N TYR A 59 7.38 5.85 -1.59
CA TYR A 59 7.11 6.74 -2.71
C TYR A 59 6.99 5.91 -3.98
N GLY A 60 6.25 6.45 -4.94
CA GLY A 60 6.11 5.82 -6.23
C GLY A 60 4.76 6.13 -6.85
N PRO A 61 4.53 5.61 -8.05
CA PRO A 61 3.26 5.85 -8.77
C PRO A 61 2.05 5.52 -7.89
N PRO A 62 0.88 6.02 -8.26
CA PRO A 62 -0.31 5.76 -7.43
C PRO A 62 -0.91 4.40 -7.75
N GLY A 63 -1.56 3.81 -6.74
CA GLY A 63 -2.22 2.54 -6.94
C GLY A 63 -1.30 1.35 -7.17
N CYS A 64 -0.17 1.29 -6.46
CA CYS A 64 0.80 0.21 -6.58
C CYS A 64 1.15 -0.46 -5.24
N GLY A 65 0.37 -0.25 -4.17
CA GLY A 65 0.54 -1.07 -2.97
C GLY A 65 1.06 -0.38 -1.72
N LYS A 66 1.26 0.94 -1.73
CA LYS A 66 1.79 1.61 -0.53
C LYS A 66 0.84 1.45 0.67
N THR A 67 -0.45 1.66 0.47
CA THR A 67 -1.39 1.54 1.58
C THR A 67 -1.50 0.09 2.07
N LEU A 68 -1.36 -0.88 1.16
CA LEU A 68 -1.47 -2.28 1.55
C LEU A 68 -0.28 -2.76 2.38
N LEU A 69 0.94 -2.33 2.04
CA LEU A 69 2.08 -2.73 2.89
C LEU A 69 2.02 -2.07 4.26
N ALA A 70 1.34 -0.93 4.37
CA ALA A 70 1.23 -0.30 5.70
C ALA A 70 0.20 -1.04 6.56
N LYS A 71 -0.89 -1.47 5.95
CA LYS A 71 -1.83 -2.37 6.62
C LYS A 71 -1.20 -3.75 6.88
N ALA A 72 -0.49 -4.31 5.90
CA ALA A 72 0.11 -5.63 6.10
C ALA A 72 1.16 -5.64 7.22
N ILE A 73 1.88 -4.53 7.40
CA ILE A 73 2.83 -4.44 8.52
C ILE A 73 2.08 -4.49 9.84
N ALA A 74 0.92 -3.83 9.91
CA ALA A 74 0.13 -3.84 11.14
C ALA A 74 -0.43 -5.24 11.41
N ASN A 75 -0.95 -5.91 10.39
CA ASN A 75 -1.50 -7.26 10.55
C ASN A 75 -0.44 -8.22 11.08
N GLU A 76 0.80 -8.07 10.62
CA GLU A 76 1.89 -8.96 11.05
C GLU A 76 2.27 -8.70 12.50
N CYS A 77 2.24 -7.44 12.93
CA CYS A 77 2.62 -7.07 14.30
C CYS A 77 1.46 -7.12 15.29
N GLN A 78 0.29 -7.62 14.88
CA GLN A 78 -0.91 -7.66 15.72
C GLN A 78 -1.23 -6.27 16.29
N ALA A 79 -1.07 -5.25 15.44
CA ALA A 79 -1.18 -3.85 15.82
C ALA A 79 -2.44 -3.21 15.24
N ASN A 80 -2.91 -2.17 15.93
CA ASN A 80 -3.93 -1.27 15.41
C ASN A 80 -3.36 -0.44 14.25
N PHE A 81 -4.27 0.10 13.43
CA PHE A 81 -3.92 0.91 12.26
C PHE A 81 -4.75 2.19 12.28
N ILE A 82 -4.08 3.35 12.26
CA ILE A 82 -4.76 4.64 12.26
C ILE A 82 -4.27 5.41 11.04
N SER A 83 -5.20 5.74 10.14
CA SER A 83 -4.92 6.28 8.82
C SER A 83 -5.47 7.70 8.69
N ILE A 84 -4.58 8.69 8.53
CA ILE A 84 -4.98 10.08 8.38
C ILE A 84 -4.52 10.59 7.01
N LYS A 85 -5.41 11.32 6.34
CA LYS A 85 -5.25 11.64 4.93
C LYS A 85 -4.95 13.12 4.77
N GLY A 86 -3.93 13.44 3.95
CA GLY A 86 -3.33 14.75 3.80
C GLY A 86 -4.15 16.01 4.06
N PRO A 87 -5.16 16.29 3.22
CA PRO A 87 -5.81 17.60 3.27
C PRO A 87 -6.71 17.79 4.48
N GLU A 88 -7.11 16.71 5.15
CA GLU A 88 -8.00 16.79 6.31
C GLU A 88 -7.28 17.26 7.56
N LEU A 89 -6.02 17.70 7.44
CA LEU A 89 -5.27 18.34 8.50
C LEU A 89 -5.46 19.86 8.53
N LEU A 90 -6.60 20.37 8.05
CA LEU A 90 -6.81 21.80 7.83
C LEU A 90 -8.14 22.26 8.42
N THR A 91 -8.09 23.22 9.35
CA THR A 91 -9.29 23.86 9.91
C THR A 91 -9.03 25.37 10.11
N SER A 97 -5.00 25.53 13.88
CA SER A 97 -5.33 24.13 13.66
C SER A 97 -4.08 23.25 13.73
N GLU A 98 -3.26 23.46 14.77
CA GLU A 98 -2.03 22.71 14.97
C GLU A 98 -2.17 21.59 16.00
N ALA A 99 -3.00 21.76 17.03
CA ALA A 99 -3.22 20.70 18.00
C ALA A 99 -3.85 19.47 17.37
N ASN A 100 -4.29 19.58 16.11
CA ASN A 100 -4.62 18.38 15.33
C ASN A 100 -3.45 17.42 15.30
N VAL A 101 -2.26 17.94 14.97
CA VAL A 101 -1.05 17.13 14.91
C VAL A 101 -0.71 16.51 16.28
N ARG A 102 -1.22 17.08 17.38
CA ARG A 102 -1.01 16.50 18.70
C ARG A 102 -2.15 15.61 19.18
N GLU A 103 -3.35 15.74 18.58
CA GLU A 103 -4.48 14.91 19.01
C GLU A 103 -4.48 13.55 18.32
N ILE A 104 -4.01 13.50 17.06
CA ILE A 104 -3.89 12.21 16.39
C ILE A 104 -2.73 11.42 16.98
N PHE A 105 -1.65 12.09 17.38
CA PHE A 105 -0.51 11.38 17.96
C PHE A 105 -0.87 10.79 19.33
N ASP A 106 -1.63 11.53 20.15
CA ASP A 106 -2.05 10.99 21.43
C ASP A 106 -2.96 9.78 21.25
N LYS A 107 -3.84 9.82 20.24
CA LYS A 107 -4.75 8.68 20.06
C LYS A 107 -4.01 7.45 19.56
N ALA A 108 -2.86 7.65 18.90
CA ALA A 108 -2.02 6.53 18.49
C ALA A 108 -1.21 5.99 19.65
N ARG A 109 -0.60 6.87 20.45
CA ARG A 109 0.00 6.44 21.72
C ARG A 109 -1.00 5.65 22.55
N GLN A 110 -2.24 6.13 22.62
CA GLN A 110 -3.32 5.43 23.31
C GLN A 110 -3.57 4.04 22.74
N ALA A 111 -3.33 3.88 21.43
CA ALA A 111 -3.71 2.67 20.70
C ALA A 111 -2.57 1.65 20.57
N ALA A 112 -1.41 1.91 21.17
CA ALA A 112 -0.26 1.04 21.05
C ALA A 112 -0.62 -0.40 21.38
N PRO A 113 0.00 -1.41 20.74
CA PRO A 113 0.93 -1.23 19.61
C PRO A 113 0.19 -0.78 18.35
N CYS A 114 0.75 0.17 17.57
CA CYS A 114 -0.02 0.90 16.56
C CYS A 114 0.83 1.32 15.37
N VAL A 115 0.20 1.33 14.18
CA VAL A 115 0.79 1.93 12.98
C VAL A 115 0.02 3.21 12.66
N LEU A 116 0.75 4.33 12.61
CA LEU A 116 0.19 5.61 12.21
C LEU A 116 0.59 5.88 10.75
N PHE A 117 -0.40 5.97 9.87
CA PHE A 117 -0.17 6.08 8.43
C PHE A 117 -0.54 7.48 7.95
N PHE A 118 0.45 8.24 7.49
CA PHE A 118 0.22 9.54 6.89
C PHE A 118 0.07 9.37 5.38
N ASP A 119 -1.16 9.49 4.88
CA ASP A 119 -1.37 9.34 3.45
C ASP A 119 -1.34 10.70 2.74
N GLU A 120 -1.27 10.61 1.40
CA GLU A 120 -1.38 11.69 0.42
C GLU A 120 -0.94 13.07 0.91
N LEU A 121 0.32 13.23 1.32
CA LEU A 121 0.76 14.57 1.62
C LEU A 121 2.06 14.91 0.88
N ASP A 122 2.07 14.55 -0.41
CA ASP A 122 2.66 15.40 -1.43
C ASP A 122 1.86 16.68 -1.60
N SER A 123 0.54 16.60 -1.34
CA SER A 123 -0.32 17.78 -1.38
C SER A 123 0.16 18.86 -0.41
N ILE A 124 0.47 18.47 0.84
CA ILE A 124 0.90 19.44 1.86
C ILE A 124 2.19 20.14 1.41
N ALA A 125 3.05 19.43 0.66
CA ALA A 125 4.36 19.93 0.25
C ALA A 125 4.28 20.95 -0.89
N LYS A 126 3.07 21.39 -1.21
CA LYS A 126 2.82 22.47 -2.17
C LYS A 126 3.30 22.06 -3.57
N ALA A 138 2.08 29.05 7.60
CA ALA A 138 0.80 28.38 7.39
C ALA A 138 0.94 26.86 7.42
N ALA A 139 0.85 26.22 6.24
CA ALA A 139 1.16 24.80 6.14
C ALA A 139 2.60 24.53 6.53
N ASP A 140 3.45 25.55 6.39
CA ASP A 140 4.77 25.69 6.98
C ASP A 140 5.06 24.72 8.12
N ARG A 141 4.28 24.81 9.20
CA ARG A 141 4.64 24.12 10.44
C ARG A 141 3.57 23.17 10.97
N VAL A 142 2.55 22.84 10.18
CA VAL A 142 1.91 21.55 10.44
C VAL A 142 2.90 20.44 10.10
N ILE A 143 3.92 20.77 9.30
CA ILE A 143 5.08 19.88 9.13
C ILE A 143 5.94 19.89 10.39
N ASN A 144 6.32 21.08 10.86
CA ASN A 144 7.19 21.14 12.03
C ASN A 144 6.50 20.64 13.28
N GLN A 145 5.17 20.75 13.36
CA GLN A 145 4.48 20.16 14.50
C GLN A 145 4.52 18.63 14.42
N ILE A 146 4.59 18.08 13.20
CA ILE A 146 4.74 16.64 13.01
C ILE A 146 6.16 16.20 13.35
N LEU A 147 7.16 16.99 12.95
CA LEU A 147 8.54 16.66 13.27
C LEU A 147 8.84 16.80 14.75
N THR A 148 8.18 17.75 15.42
CA THR A 148 8.36 17.88 16.86
C THR A 148 7.62 16.79 17.62
N GLU A 149 6.41 16.43 17.16
CA GLU A 149 5.73 15.27 17.72
C GLU A 149 6.54 14.01 17.49
N MET A 150 7.20 13.91 16.34
CA MET A 150 8.04 12.75 16.04
C MET A 150 9.18 12.63 17.05
N ASP A 151 10.00 13.68 17.16
CA ASP A 151 11.20 13.59 18.00
C ASP A 151 10.87 13.39 19.47
N GLY A 152 9.67 13.76 19.89
CA GLY A 152 9.28 13.62 21.29
C GLY A 152 8.56 12.32 21.62
N MET A 153 8.69 11.32 20.75
CA MET A 153 8.04 10.01 20.94
C MET A 153 9.07 8.90 20.75
N SER A 154 9.62 8.43 21.88
CA SER A 154 10.50 7.28 22.03
C SER A 154 9.99 6.02 21.34
N THR A 155 10.90 5.09 21.03
CA THR A 155 10.50 3.79 20.51
C THR A 155 9.73 2.96 21.52
N LYS A 156 9.82 3.32 22.80
CA LYS A 156 9.19 2.58 23.88
C LYS A 156 7.67 2.73 23.90
N LYS A 157 7.12 3.70 23.16
CA LYS A 157 5.68 3.89 23.08
C LYS A 157 4.99 2.88 22.15
N ASN A 158 5.77 2.16 21.32
CA ASN A 158 5.26 1.10 20.44
C ASN A 158 4.36 1.67 19.33
N VAL A 159 4.79 2.77 18.72
CA VAL A 159 4.11 3.36 17.58
C VAL A 159 5.10 3.39 16.41
N PHE A 160 4.63 2.97 15.24
CA PHE A 160 5.45 2.88 14.04
C PHE A 160 4.79 3.74 12.96
N ILE A 161 5.51 4.77 12.48
CA ILE A 161 4.93 5.77 11.59
C ILE A 161 5.32 5.44 10.15
N ILE A 162 4.33 5.40 9.26
CA ILE A 162 4.56 5.19 7.84
C ILE A 162 3.95 6.36 7.08
N GLY A 163 4.72 6.93 6.15
CA GLY A 163 4.22 7.96 5.26
C GLY A 163 4.30 7.53 3.82
N ALA A 164 3.48 8.16 2.96
CA ALA A 164 3.41 7.84 1.55
C ALA A 164 3.27 9.12 0.71
N THR A 165 3.76 9.09 -0.54
CA THR A 165 3.65 10.23 -1.48
C THR A 165 3.85 9.79 -2.93
N ASN A 166 3.20 10.51 -3.84
CA ASN A 166 3.48 10.34 -5.27
CA ASN A 166 3.44 10.36 -5.28
C ASN A 166 4.41 11.41 -5.83
N ARG A 167 4.88 12.34 -4.99
CA ARG A 167 5.78 13.41 -5.41
C ARG A 167 7.07 13.30 -4.62
N PRO A 168 7.96 12.36 -4.96
CA PRO A 168 9.24 12.27 -4.25
C PRO A 168 10.19 13.45 -4.49
N ASP A 169 9.95 14.28 -5.51
CA ASP A 169 10.83 15.43 -5.75
C ASP A 169 10.63 16.56 -4.74
N ILE A 170 9.64 16.47 -3.85
CA ILE A 170 9.39 17.53 -2.87
C ILE A 170 9.29 16.98 -1.43
N ILE A 171 10.02 15.92 -1.10
CA ILE A 171 10.18 15.68 0.33
C ILE A 171 11.17 16.70 0.88
N ASP A 172 10.73 17.42 1.91
CA ASP A 172 11.61 18.17 2.79
C ASP A 172 12.51 17.18 3.53
N PRO A 173 13.81 17.15 3.19
CA PRO A 173 14.72 16.15 3.78
C PRO A 173 14.90 16.22 5.30
N ALA A 174 14.19 17.11 5.99
CA ALA A 174 14.27 17.10 7.45
C ALA A 174 13.56 15.89 8.04
N ILE A 175 12.46 15.43 7.42
CA ILE A 175 11.73 14.27 7.91
C ILE A 175 12.52 12.98 7.75
N LEU A 176 13.59 12.98 6.96
CA LEU A 176 14.41 11.80 6.79
C LEU A 176 15.74 11.89 7.52
N ARG A 177 15.92 12.89 8.39
CA ARG A 177 17.13 12.96 9.20
C ARG A 177 17.12 11.84 10.23
N PRO A 178 18.29 11.30 10.57
CA PRO A 178 18.35 10.20 11.54
C PRO A 178 17.66 10.59 12.84
N GLY A 179 16.82 9.68 13.35
CA GLY A 179 15.91 9.96 14.44
C GLY A 179 14.46 10.00 14.02
N ARG A 180 14.19 10.20 12.72
CA ARG A 180 12.83 10.27 12.21
C ARG A 180 12.58 9.14 11.21
N LEU A 181 11.86 9.42 10.10
CA LEU A 181 11.56 8.36 9.13
C LEU A 181 12.85 7.79 8.56
N ASP A 182 13.27 6.63 9.09
CA ASP A 182 14.61 6.08 8.89
C ASP A 182 14.89 5.79 7.41
N GLN A 183 13.99 5.10 6.73
CA GLN A 183 14.26 4.66 5.38
C GLN A 183 13.22 5.18 4.38
N LEU A 184 13.69 5.34 3.14
CA LEU A 184 12.89 5.74 1.99
C LEU A 184 12.88 4.57 1.02
N ILE A 185 11.69 4.10 0.62
CA ILE A 185 11.55 2.88 -0.18
C ILE A 185 10.75 3.19 -1.44
N TYR A 186 11.23 2.66 -2.58
CA TYR A 186 10.57 2.84 -3.88
C TYR A 186 9.57 1.70 -4.06
N ILE A 187 8.30 2.05 -4.33
CA ILE A 187 7.23 1.08 -4.58
C ILE A 187 6.79 1.23 -6.03
N PRO A 188 7.43 0.54 -7.00
CA PRO A 188 7.27 0.90 -8.43
C PRO A 188 6.13 0.21 -9.15
N LEU A 189 5.92 0.54 -10.44
CA LEU A 189 4.88 -0.12 -11.23
C LEU A 189 5.27 -1.58 -11.48
N PRO A 190 4.31 -2.51 -11.42
CA PRO A 190 4.66 -3.95 -11.50
C PRO A 190 5.15 -4.36 -12.89
N ASP A 191 6.25 -5.12 -12.90
CA ASP A 191 6.73 -5.73 -14.12
C ASP A 191 5.85 -6.92 -14.48
N GLU A 192 6.19 -7.57 -15.60
CA GLU A 192 5.37 -8.63 -16.15
C GLU A 192 5.07 -9.75 -15.15
N LYS A 193 6.06 -10.10 -14.32
CA LYS A 193 5.97 -11.19 -13.34
C LYS A 193 5.15 -10.78 -12.13
N SER A 194 5.08 -9.48 -11.86
CA SER A 194 4.32 -8.97 -10.73
C SER A 194 2.84 -8.76 -11.09
N ARG A 195 2.54 -8.50 -12.36
CA ARG A 195 1.15 -8.45 -12.81
C ARG A 195 0.49 -9.83 -12.72
N VAL A 196 1.22 -10.91 -13.07
CA VAL A 196 0.69 -12.27 -12.86
C VAL A 196 0.40 -12.52 -11.40
N ALA A 197 1.23 -11.97 -10.51
CA ALA A 197 1.00 -12.24 -9.08
C ALA A 197 -0.11 -11.38 -8.52
N ILE A 198 -0.24 -10.13 -8.98
CA ILE A 198 -1.38 -9.30 -8.58
C ILE A 198 -2.68 -9.96 -9.04
N LEU A 199 -2.76 -10.37 -10.31
CA LEU A 199 -3.97 -11.06 -10.78
C LEU A 199 -4.25 -12.29 -9.92
N LYS A 200 -3.23 -13.14 -9.67
CA LYS A 200 -3.43 -14.31 -8.82
C LYS A 200 -3.85 -13.91 -7.41
N ALA A 201 -3.24 -12.87 -6.84
CA ALA A 201 -3.59 -12.53 -5.46
C ALA A 201 -4.99 -11.96 -5.35
N ASN A 202 -5.42 -11.20 -6.37
CA ASN A 202 -6.75 -10.61 -6.35
C ASN A 202 -7.86 -11.65 -6.56
N LEU A 203 -7.58 -12.76 -7.23
CA LEU A 203 -8.56 -13.80 -7.51
C LEU A 203 -8.32 -15.06 -6.69
N ARG A 204 -7.47 -14.97 -5.66
CA ARG A 204 -7.08 -16.13 -4.86
C ARG A 204 -8.29 -16.91 -4.31
N LYS A 205 -9.45 -16.24 -4.18
CA LYS A 205 -10.61 -16.87 -3.54
C LYS A 205 -11.87 -16.78 -4.40
N SER A 206 -11.71 -16.61 -5.72
CA SER A 206 -12.73 -16.61 -6.74
C SER A 206 -12.73 -17.93 -7.51
N PRO A 207 -13.87 -18.38 -8.03
CA PRO A 207 -13.84 -19.55 -8.92
C PRO A 207 -13.59 -19.11 -10.35
N VAL A 208 -12.34 -19.19 -10.79
CA VAL A 208 -11.95 -18.75 -12.12
C VAL A 208 -11.83 -19.98 -13.01
N ALA A 209 -12.36 -19.87 -14.22
CA ALA A 209 -12.43 -21.01 -15.10
C ALA A 209 -11.03 -21.39 -15.60
N LYS A 210 -10.90 -22.65 -16.00
CA LYS A 210 -9.58 -23.15 -16.36
C LYS A 210 -9.06 -22.50 -17.63
N ASP A 211 -9.95 -22.05 -18.52
CA ASP A 211 -9.57 -21.47 -19.80
C ASP A 211 -8.93 -20.09 -19.65
N VAL A 212 -8.84 -19.61 -18.42
CA VAL A 212 -8.33 -18.28 -18.12
C VAL A 212 -6.80 -18.36 -18.00
N ASP A 213 -6.09 -17.58 -18.80
CA ASP A 213 -4.63 -17.54 -18.77
C ASP A 213 -4.22 -16.15 -18.31
N LEU A 214 -3.67 -16.06 -17.09
CA LEU A 214 -3.21 -14.78 -16.57
C LEU A 214 -1.81 -14.42 -17.04
N GLU A 215 -0.99 -15.40 -17.41
CA GLU A 215 0.29 -15.08 -18.05
C GLU A 215 0.06 -14.26 -19.32
N PHE A 216 -0.89 -14.69 -20.17
CA PHE A 216 -1.24 -13.89 -21.33
C PHE A 216 -1.88 -12.55 -20.96
N LEU A 217 -2.60 -12.51 -19.83
CA LEU A 217 -3.18 -11.23 -19.42
C LEU A 217 -2.09 -10.28 -18.94
N ALA A 218 -1.00 -10.83 -18.39
CA ALA A 218 0.11 -9.97 -17.95
C ALA A 218 0.84 -9.35 -19.13
N LYS A 219 1.14 -10.13 -20.19
CA LYS A 219 1.87 -9.56 -21.33
C LYS A 219 1.08 -8.43 -21.99
N MET A 220 -0.25 -8.46 -21.85
CA MET A 220 -1.11 -7.49 -22.52
C MET A 220 -1.43 -6.28 -21.66
N THR A 221 -0.86 -6.18 -20.45
CA THR A 221 -1.16 -5.09 -19.52
C THR A 221 0.08 -4.32 -19.08
N ASN A 222 1.09 -4.25 -19.93
CA ASN A 222 2.29 -3.46 -19.65
C ASN A 222 1.91 -2.01 -19.34
N GLY A 223 2.42 -1.50 -18.21
CA GLY A 223 2.13 -0.15 -17.77
C GLY A 223 0.91 0.00 -16.90
N PHE A 224 0.09 -1.05 -16.76
CA PHE A 224 -1.06 -1.03 -15.86
C PHE A 224 -0.56 -1.07 -14.42
N SER A 225 -1.21 -0.30 -13.55
CA SER A 225 -0.93 -0.36 -12.13
C SER A 225 -1.72 -1.49 -11.45
N GLY A 226 -1.44 -1.70 -10.16
CA GLY A 226 -2.18 -2.71 -9.44
C GLY A 226 -3.67 -2.38 -9.38
N ALA A 227 -4.00 -1.15 -8.98
CA ALA A 227 -5.36 -0.62 -9.10
C ALA A 227 -6.00 -0.97 -10.44
N ASP A 228 -5.32 -0.66 -11.56
CA ASP A 228 -5.89 -0.96 -12.87
C ASP A 228 -6.17 -2.45 -13.01
N LEU A 229 -5.24 -3.29 -12.52
CA LEU A 229 -5.39 -4.74 -12.65
C LEU A 229 -6.57 -5.22 -11.82
N THR A 230 -6.75 -4.67 -10.61
CA THR A 230 -7.88 -5.02 -9.75
C THR A 230 -9.21 -4.69 -10.42
N GLU A 231 -9.33 -3.47 -10.97
CA GLU A 231 -10.54 -3.06 -11.72
C GLU A 231 -10.97 -4.12 -12.73
N ILE A 232 -10.07 -4.47 -13.66
CA ILE A 232 -10.35 -5.53 -14.63
C ILE A 232 -10.86 -6.79 -13.93
N CYS A 233 -10.28 -7.13 -12.78
CA CYS A 233 -10.78 -8.28 -12.05
C CYS A 233 -12.21 -8.04 -11.55
N GLN A 234 -12.55 -6.80 -11.18
CA GLN A 234 -13.87 -6.53 -10.62
C GLN A 234 -14.97 -6.57 -11.70
N ARG A 235 -14.64 -6.12 -12.92
CA ARG A 235 -15.62 -6.11 -14.00
C ARG A 235 -15.95 -7.53 -14.46
N ALA A 236 -14.92 -8.35 -14.69
CA ALA A 236 -15.17 -9.75 -15.04
C ALA A 236 -15.99 -10.46 -13.96
N CYS A 237 -15.81 -10.09 -12.69
CA CYS A 237 -16.58 -10.72 -11.62
C CYS A 237 -18.04 -10.30 -11.68
N LYS A 238 -18.31 -9.00 -11.89
CA LYS A 238 -19.69 -8.52 -11.95
C LYS A 238 -20.44 -9.15 -13.11
N LEU A 239 -19.75 -9.35 -14.24
CA LEU A 239 -20.38 -9.91 -15.43
C LEU A 239 -20.73 -11.39 -15.24
N ALA A 240 -19.81 -12.17 -14.65
CA ALA A 240 -20.01 -13.61 -14.50
C ALA A 240 -21.15 -13.94 -13.52
N ILE A 241 -21.51 -13.01 -12.64
CA ILE A 241 -22.57 -13.29 -11.70
C ILE A 241 -23.85 -12.54 -12.07
N ARG A 242 -23.72 -11.38 -12.73
CA ARG A 242 -24.91 -10.82 -13.36
C ARG A 242 -25.45 -11.80 -14.39
N GLU A 243 -24.56 -12.43 -15.18
CA GLU A 243 -24.97 -13.54 -16.05
C GLU A 243 -25.59 -14.69 -15.27
N SER A 244 -25.11 -14.94 -14.04
CA SER A 244 -25.65 -16.04 -13.25
C SER A 244 -27.09 -15.76 -12.82
N ILE A 245 -27.40 -14.52 -12.42
CA ILE A 245 -28.75 -14.23 -11.95
C ILE A 245 -29.75 -14.30 -13.11
N GLU A 246 -29.38 -13.77 -14.30
CA GLU A 246 -30.35 -13.68 -15.38
C GLU A 246 -30.67 -15.03 -16.01
N SER A 247 -29.84 -16.05 -15.76
CA SER A 247 -30.01 -17.31 -16.48
C SER A 247 -30.92 -18.28 -15.73
N GLU A 248 -30.64 -18.56 -14.46
CA GLU A 248 -31.60 -19.38 -13.72
C GLU A 248 -32.82 -18.58 -13.27
N ILE A 249 -32.83 -17.27 -13.48
CA ILE A 249 -34.08 -16.52 -13.54
C ILE A 249 -34.87 -16.93 -14.78
N ARG A 250 -34.17 -17.29 -15.85
CA ARG A 250 -34.85 -17.80 -17.05
C ARG A 250 -35.13 -19.30 -16.93
N ARG A 251 -34.11 -20.09 -16.57
CA ARG A 251 -34.30 -21.55 -16.59
C ARG A 251 -35.16 -22.07 -15.44
N GLU A 252 -35.74 -21.17 -14.66
CA GLU A 252 -36.80 -21.55 -13.73
C GLU A 252 -38.19 -21.44 -14.35
N ARG A 253 -38.32 -20.81 -15.53
CA ARG A 253 -39.61 -20.78 -16.22
C ARG A 253 -39.95 -22.10 -16.91
N GLU A 254 -39.01 -23.05 -16.96
CA GLU A 254 -39.24 -24.38 -17.55
C GLU A 254 -40.01 -24.35 -18.87
N PRO A 269 -24.01 -26.24 -7.41
CA PRO A 269 -23.18 -26.08 -8.62
C PRO A 269 -22.69 -24.62 -8.82
N VAL A 270 -21.44 -24.35 -8.46
CA VAL A 270 -20.86 -22.99 -8.46
C VAL A 270 -20.64 -22.49 -9.88
N PRO A 271 -21.11 -21.30 -10.25
CA PRO A 271 -20.74 -20.71 -11.54
C PRO A 271 -19.30 -20.17 -11.51
N GLU A 272 -18.78 -19.85 -12.69
CA GLU A 272 -17.36 -19.53 -12.82
C GLU A 272 -17.15 -18.24 -13.60
N ILE A 273 -16.06 -17.53 -13.28
CA ILE A 273 -15.57 -16.44 -14.13
C ILE A 273 -14.75 -17.05 -15.28
N ARG A 274 -15.15 -16.76 -16.52
CA ARG A 274 -14.59 -17.40 -17.71
C ARG A 274 -13.73 -16.44 -18.53
N ARG A 275 -13.02 -17.02 -19.50
CA ARG A 275 -12.22 -16.24 -20.44
C ARG A 275 -13.01 -15.14 -21.12
N ASP A 276 -14.29 -15.40 -21.44
CA ASP A 276 -15.06 -14.41 -22.17
C ASP A 276 -15.55 -13.26 -21.28
N HIS A 277 -15.70 -13.50 -19.96
CA HIS A 277 -15.95 -12.37 -19.04
C HIS A 277 -14.75 -11.43 -19.01
N PHE A 278 -13.53 -11.99 -19.01
CA PHE A 278 -12.33 -11.17 -19.01
C PHE A 278 -12.17 -10.42 -20.34
N GLU A 279 -12.56 -11.05 -21.46
CA GLU A 279 -12.50 -10.36 -22.76
C GLU A 279 -13.34 -9.08 -22.75
N GLU A 280 -14.61 -9.19 -22.38
CA GLU A 280 -15.47 -8.01 -22.32
C GLU A 280 -14.93 -6.97 -21.33
N ALA A 281 -14.44 -7.43 -20.17
CA ALA A 281 -13.93 -6.53 -19.14
C ALA A 281 -12.70 -5.72 -19.55
N MET A 282 -12.09 -6.01 -20.71
CA MET A 282 -10.87 -5.33 -21.13
C MET A 282 -11.08 -4.21 -22.15
N ARG A 283 -12.24 -4.16 -22.81
CA ARG A 283 -12.58 -2.96 -23.56
C ARG A 283 -12.57 -1.75 -22.64
N PHE A 284 -13.05 -1.93 -21.41
CA PHE A 284 -12.98 -0.94 -20.34
C PHE A 284 -11.61 -0.90 -19.65
N ALA A 285 -10.50 -0.94 -20.39
CA ALA A 285 -9.19 -1.10 -19.75
C ALA A 285 -8.11 -0.34 -20.49
N ARG A 286 -7.54 0.66 -19.83
CA ARG A 286 -6.26 1.23 -20.22
C ARG A 286 -5.59 1.85 -19.00
N ARG A 287 -4.30 2.12 -19.14
CA ARG A 287 -3.44 2.57 -18.04
C ARG A 287 -3.98 3.85 -17.40
N SER A 288 -3.54 4.09 -16.16
CA SER A 288 -3.88 5.32 -15.45
C SER A 288 -2.64 6.15 -15.10
N VAL A 289 -1.44 5.65 -15.34
CA VAL A 289 -0.20 6.41 -15.16
C VAL A 289 0.43 6.63 -16.53
N SER A 290 0.70 7.90 -16.84
CA SER A 290 1.21 8.27 -18.16
C SER A 290 2.68 7.86 -18.29
N ASP A 291 3.12 7.72 -19.56
CA ASP A 291 4.50 7.43 -19.87
C ASP A 291 5.43 8.53 -19.35
N ASN A 292 4.99 9.78 -19.43
CA ASN A 292 5.84 10.90 -19.01
C ASN A 292 6.13 10.83 -17.50
N ASP A 293 5.08 10.67 -16.69
CA ASP A 293 5.31 10.52 -15.25
C ASP A 293 6.04 9.23 -14.91
N ILE A 294 5.91 8.17 -15.72
CA ILE A 294 6.69 6.95 -15.47
C ILE A 294 8.18 7.22 -15.63
N ARG A 295 8.56 8.12 -16.54
CA ARG A 295 9.98 8.41 -16.72
C ARG A 295 10.54 9.18 -15.53
N LYS A 296 9.74 10.10 -14.97
CA LYS A 296 10.18 10.90 -13.84
C LYS A 296 10.46 10.03 -12.63
N TYR A 297 9.55 9.08 -12.33
CA TYR A 297 9.83 8.15 -11.21
C TYR A 297 11.10 7.35 -11.49
N GLU A 298 11.24 6.83 -12.71
CA GLU A 298 12.44 6.06 -13.06
C GLU A 298 13.71 6.89 -12.96
N MET A 299 13.67 8.16 -13.37
CA MET A 299 14.82 9.04 -13.18
C MET A 299 15.10 9.24 -11.69
N PHE A 300 14.05 9.38 -10.87
CA PHE A 300 14.27 9.70 -9.46
C PHE A 300 14.88 8.53 -8.71
N ALA A 301 14.28 7.34 -8.82
CA ALA A 301 14.80 6.17 -8.13
C ALA A 301 16.21 5.83 -8.60
N GLN A 302 16.47 5.96 -9.90
CA GLN A 302 17.72 5.45 -10.43
C GLN A 302 18.92 6.26 -9.96
N THR A 303 18.73 7.57 -9.76
CA THR A 303 19.86 8.42 -9.41
C THR A 303 20.37 8.13 -7.99
N LEU A 304 19.54 7.58 -7.10
CA LEU A 304 20.01 7.13 -5.81
C LEU A 304 20.45 5.67 -5.80
N GLN A 305 20.79 5.11 -6.97
CA GLN A 305 21.21 3.71 -7.08
C GLN A 305 20.09 2.75 -6.68
#